data_8EWN
#
_entry.id   8EWN
#
_cell.length_a   75.520
_cell.length_b   99.291
_cell.length_c   125.399
_cell.angle_alpha   90.00
_cell.angle_beta   90.00
_cell.angle_gamma   90.00
#
_symmetry.space_group_name_H-M   'I 2 2 2'
#
loop_
_entity.id
_entity.type
_entity.pdbx_description
1 polymer 'Cytochrome P450 3A4'
2 non-polymer 'PROTOPORPHYRIN IX CONTAINING FE'
3 non-polymer "{N-[([2,2'-bipyridin]-5-yl-kappa~2~N~1~,N~1'~)methyl]-3-(pyridin-4-yl)propanamide}bis[3,5-difluoro-2-(pyridin-2-yl-kappaN)phenyl-kappaC~1~]iridium(1+)"
4 water water
#
_entity_poly.entity_id   1
_entity_poly.type   'polypeptide(L)'
_entity_poly.pdbx_seq_one_letter_code
;MAYLYGTHSHGLFKKLGIPGPTPLPFLGNILSYHKGFCMFDMECHKKYGKVWGFYDGQQPVLAITDPDMIKTVLVKECYS
VFTNRRPFGPVGFMKSAISIAEDEEWKRLRSLLSPTFTSGKLKEMVPIIAQYGDVLVRNLRREAETGKPVTLKDVFGAYS
MDVITSTSFGVNIDSLNNPQDPFVENTKKLLRFDFLDPFFLSITVFPFLIPILEVLNICVFPREVTNFLRKSVKRMKESR
LEDTQKHRVDFLQLMIDSQNSKETESHKALSDLELVAQSIIFIFAGYETTSSVLSFIMYELATHPDVQQKLQEEIDAVLP
NKAPPTYDTVLQMEYLDMVVNETLRLFPIAMRLERVCKKDVEINGMFIPKGVVVMIPSYALHRDPKYWTEPEKFLPERFS
KKNKDNIDPYIYTPFGSGPRNCIGMRFALMNMKLALIRVLQNFSFKPCKETQIPLKLSLGGLLQPEKPVVLKVESRDGTV
SGAHHHH
;
_entity_poly.pdbx_strand_id   A
#
loop_
_chem_comp.id
_chem_comp.type
_chem_comp.name
_chem_comp.formula
HEM non-polymer 'PROTOPORPHYRIN IX CONTAINING FE' 'C34 H32 Fe N4 O4'
X1O non-polymer {N-[([2,2'-bipyridin]-5-yl-kappa~2~N~1~,N~1'~)methyl]-3-(pyridin-4-yl)propanamide}bis[3,5-difluoro-2-(pyridin-2-yl-kappaN)phenyl-kappaC~1~]iridium(1+) 'C41 H30 F4 Ir N6 O 1'
#
# COMPACT_ATOMS: atom_id res chain seq x y z
N HIS A 8 4.86 -5.04 -33.89
CA HIS A 8 3.79 -5.78 -33.22
C HIS A 8 4.35 -6.87 -32.32
N SER A 9 4.26 -6.64 -31.01
CA SER A 9 4.78 -7.58 -30.03
C SER A 9 3.71 -8.51 -29.48
N HIS A 10 2.55 -8.58 -30.13
CA HIS A 10 1.48 -9.47 -29.71
C HIS A 10 1.73 -10.93 -30.04
N GLY A 11 2.77 -11.26 -30.81
CA GLY A 11 3.13 -12.66 -30.96
C GLY A 11 4.14 -13.14 -29.94
N LEU A 12 4.55 -12.28 -28.99
CA LEU A 12 5.71 -12.59 -28.17
C LEU A 12 5.47 -13.84 -27.34
N PHE A 13 4.39 -13.87 -26.55
CA PHE A 13 4.19 -15.02 -25.68
C PHE A 13 3.96 -16.31 -26.46
N LYS A 14 3.15 -16.27 -27.52
CA LYS A 14 2.98 -17.50 -28.28
C LYS A 14 4.27 -17.93 -28.96
N LYS A 15 5.20 -16.98 -29.18
CA LYS A 15 6.51 -17.31 -29.72
C LYS A 15 7.40 -17.94 -28.65
N LEU A 16 7.17 -17.64 -27.37
CA LEU A 16 7.93 -18.24 -26.29
C LEU A 16 7.27 -19.49 -25.70
N GLY A 17 6.14 -19.94 -26.24
CA GLY A 17 5.46 -21.09 -25.62
C GLY A 17 4.74 -20.80 -24.31
N ILE A 18 4.55 -19.53 -23.97
CA ILE A 18 3.94 -19.13 -22.70
C ILE A 18 2.44 -18.92 -22.92
N PRO A 19 1.57 -19.61 -22.17
CA PRO A 19 0.13 -19.47 -22.42
C PRO A 19 -0.33 -18.10 -21.91
N GLY A 20 -1.60 -17.78 -22.15
CA GLY A 20 -2.11 -16.46 -21.84
C GLY A 20 -3.33 -16.14 -22.69
N PRO A 21 -4.15 -15.20 -22.21
CA PRO A 21 -5.37 -14.85 -22.96
C PRO A 21 -5.04 -14.15 -24.28
N THR A 22 -5.75 -14.52 -25.32
CA THR A 22 -5.44 -13.98 -26.63
C THR A 22 -5.66 -12.46 -26.62
N PRO A 23 -4.66 -11.66 -26.97
CA PRO A 23 -4.84 -10.21 -26.94
C PRO A 23 -5.63 -9.69 -28.14
N LEU A 24 -6.28 -8.58 -27.94
CA LEU A 24 -6.86 -7.87 -29.07
C LEU A 24 -5.86 -6.84 -29.61
N PRO A 25 -5.91 -6.48 -30.89
CA PRO A 25 -4.98 -5.45 -31.39
C PRO A 25 -5.12 -4.11 -30.66
N PHE A 26 -3.99 -3.43 -30.46
CA PHE A 26 -3.88 -2.13 -29.77
C PHE A 26 -4.25 -2.30 -28.29
N LEU A 27 -5.46 -2.82 -28.01
CA LEU A 27 -5.91 -2.99 -26.62
C LEU A 27 -5.14 -4.04 -25.82
N GLY A 28 -4.59 -5.09 -26.46
CA GLY A 28 -4.04 -6.20 -25.67
C GLY A 28 -5.17 -6.84 -24.89
N ASN A 29 -4.98 -7.05 -23.60
CA ASN A 29 -6.00 -7.73 -22.80
C ASN A 29 -6.77 -6.82 -21.87
N ILE A 30 -6.64 -5.50 -22.02
CA ILE A 30 -7.22 -4.64 -20.99
C ILE A 30 -8.73 -4.76 -20.91
N LEU A 31 -9.42 -5.20 -21.96
CA LEU A 31 -10.86 -5.32 -21.77
C LEU A 31 -11.21 -6.32 -20.68
N SER A 32 -10.33 -7.30 -20.44
CA SER A 32 -10.54 -8.32 -19.42
C SER A 32 -10.40 -7.76 -18.00
N TYR A 33 -9.97 -6.51 -17.85
CA TYR A 33 -9.97 -5.80 -16.58
C TYR A 33 -11.36 -5.35 -16.16
N HIS A 34 -12.40 -5.67 -16.94
CA HIS A 34 -13.72 -5.13 -16.66
C HIS A 34 -14.26 -5.62 -15.33
N LYS A 35 -13.81 -6.80 -14.85
CA LYS A 35 -14.19 -7.29 -13.53
C LYS A 35 -13.16 -6.98 -12.46
N GLY A 36 -12.16 -6.16 -12.77
CA GLY A 36 -11.06 -5.86 -11.85
C GLY A 36 -9.82 -6.66 -12.23
N PHE A 37 -8.63 -6.06 -12.27
CA PHE A 37 -7.46 -6.84 -12.67
C PHE A 37 -7.05 -7.86 -11.61
N CYS A 38 -7.55 -7.71 -10.38
CA CYS A 38 -7.30 -8.74 -9.38
C CYS A 38 -8.03 -10.02 -9.73
N MET A 39 -9.29 -9.86 -10.16
CA MET A 39 -10.12 -10.95 -10.64
C MET A 39 -9.59 -11.52 -11.94
N PHE A 40 -9.03 -10.64 -12.79
CA PHE A 40 -8.35 -11.10 -14.01
C PHE A 40 -7.11 -11.97 -13.66
N ASP A 41 -6.30 -11.55 -12.69
CA ASP A 41 -5.15 -12.35 -12.25
C ASP A 41 -5.57 -13.71 -11.69
N MET A 42 -6.53 -13.73 -10.79
CA MET A 42 -6.99 -15.01 -10.27
C MET A 42 -7.52 -15.90 -11.38
N GLU A 43 -8.32 -15.34 -12.29
CA GLU A 43 -8.84 -16.18 -13.39
C GLU A 43 -7.71 -16.76 -14.22
N CYS A 44 -6.70 -15.93 -14.53
CA CYS A 44 -5.58 -16.37 -15.35
C CYS A 44 -4.76 -17.43 -14.63
N HIS A 45 -4.50 -17.21 -13.35
CA HIS A 45 -3.84 -18.21 -12.53
C HIS A 45 -4.57 -19.53 -12.58
N LYS A 46 -5.90 -19.48 -12.49
CA LYS A 46 -6.68 -20.73 -12.50
C LYS A 46 -6.61 -21.44 -13.84
N LYS A 47 -6.64 -20.71 -14.95
CA LYS A 47 -6.71 -21.38 -16.24
C LYS A 47 -5.34 -21.63 -16.87
N TYR A 48 -4.30 -20.92 -16.47
CA TYR A 48 -3.00 -21.13 -17.11
C TYR A 48 -1.94 -21.76 -16.23
N GLY A 49 -2.13 -21.77 -14.92
CA GLY A 49 -1.13 -22.33 -14.03
C GLY A 49 -0.12 -21.34 -13.49
N LYS A 50 1.15 -21.74 -13.52
CA LYS A 50 2.19 -21.05 -12.78
C LYS A 50 2.71 -19.82 -13.52
N VAL A 51 2.63 -19.80 -14.83
CA VAL A 51 3.21 -18.70 -15.60
C VAL A 51 2.25 -18.41 -16.75
N TRP A 52 2.11 -17.14 -17.12
CA TRP A 52 1.22 -16.76 -18.22
C TRP A 52 1.52 -15.33 -18.61
N GLY A 53 1.20 -14.99 -19.84
CA GLY A 53 1.51 -13.68 -20.40
C GLY A 53 0.25 -13.01 -20.90
N PHE A 54 0.24 -11.70 -20.81
CA PHE A 54 -0.89 -10.90 -21.28
C PHE A 54 -0.30 -9.55 -21.65
N TYR A 55 -1.13 -8.72 -22.29
CA TYR A 55 -0.63 -7.48 -22.83
C TYR A 55 -1.48 -6.32 -22.33
N ASP A 56 -0.85 -5.37 -21.64
CA ASP A 56 -1.38 -4.06 -21.30
C ASP A 56 -1.17 -3.18 -22.53
N GLY A 57 -2.18 -3.20 -23.41
CA GLY A 57 -2.05 -2.56 -24.70
C GLY A 57 -1.02 -3.30 -25.49
N GLN A 58 0.10 -2.65 -25.82
CA GLN A 58 1.19 -3.33 -26.49
C GLN A 58 2.28 -3.78 -25.53
N GLN A 59 2.13 -3.56 -24.20
CA GLN A 59 3.14 -3.93 -23.21
C GLN A 59 2.94 -5.38 -22.77
N PRO A 60 3.85 -6.30 -23.12
CA PRO A 60 3.73 -7.67 -22.62
C PRO A 60 4.09 -7.73 -21.14
N VAL A 61 3.28 -8.48 -20.40
CA VAL A 61 3.42 -8.67 -18.98
C VAL A 61 3.45 -10.17 -18.78
N LEU A 62 4.50 -10.65 -18.12
CA LEU A 62 4.64 -12.05 -17.76
C LEU A 62 4.32 -12.22 -16.27
N ALA A 63 3.22 -12.93 -15.99
CA ALA A 63 2.87 -13.28 -14.62
C ALA A 63 3.59 -14.54 -14.17
N ILE A 64 4.18 -14.50 -12.98
CA ILE A 64 4.92 -15.61 -12.43
C ILE A 64 4.37 -15.88 -11.03
N THR A 65 4.17 -17.16 -10.71
CA THR A 65 3.70 -17.52 -9.39
C THR A 65 4.58 -18.49 -8.65
N ASP A 66 5.63 -19.01 -9.29
CA ASP A 66 6.55 -19.89 -8.60
C ASP A 66 7.32 -19.15 -7.51
N PRO A 67 7.26 -19.59 -6.25
CA PRO A 67 8.01 -18.91 -5.17
C PRO A 67 9.50 -18.75 -5.46
N ASP A 68 10.14 -19.70 -6.16
CA ASP A 68 11.56 -19.58 -6.42
C ASP A 68 11.81 -18.56 -7.52
N MET A 69 10.96 -18.55 -8.55
CA MET A 69 11.03 -17.51 -9.56
C MET A 69 10.87 -16.12 -8.93
N ILE A 70 9.89 -15.97 -8.04
CA ILE A 70 9.62 -14.68 -7.41
C ILE A 70 10.84 -14.18 -6.66
N LYS A 71 11.54 -15.08 -5.96
CA LYS A 71 12.71 -14.65 -5.23
C LYS A 71 13.84 -14.30 -6.18
N THR A 72 14.03 -15.09 -7.24
CA THR A 72 15.03 -14.71 -8.24
C THR A 72 14.81 -13.28 -8.71
N VAL A 73 13.54 -12.94 -8.99
CA VAL A 73 13.20 -11.64 -9.60
C VAL A 73 13.27 -10.53 -8.55
N LEU A 74 12.70 -10.78 -7.37
CA LEU A 74 12.68 -9.76 -6.32
C LEU A 74 14.02 -9.64 -5.59
N VAL A 75 14.70 -10.74 -5.33
CA VAL A 75 15.93 -10.69 -4.52
C VAL A 75 17.19 -10.85 -5.36
N LYS A 76 17.41 -12.04 -5.94
CA LYS A 76 18.76 -12.35 -6.42
C LYS A 76 19.16 -11.48 -7.60
N GLU A 77 18.23 -11.22 -8.51
CA GLU A 77 18.56 -10.59 -9.78
C GLU A 77 18.04 -9.16 -9.86
N CYS A 78 17.97 -8.47 -8.72
CA CYS A 78 17.27 -7.19 -8.66
C CYS A 78 18.14 -6.06 -9.16
N TYR A 79 19.36 -5.97 -8.67
CA TYR A 79 20.28 -4.96 -9.15
C TYR A 79 20.70 -5.24 -10.59
N SER A 80 20.72 -6.50 -10.98
CA SER A 80 21.33 -6.85 -12.25
C SER A 80 20.35 -6.81 -13.41
N VAL A 81 19.06 -7.06 -13.16
CA VAL A 81 18.08 -7.22 -14.22
C VAL A 81 16.76 -6.53 -13.91
N PHE A 82 16.25 -6.76 -12.70
CA PHE A 82 14.89 -6.35 -12.37
C PHE A 82 14.88 -5.24 -11.35
N THR A 83 15.46 -4.10 -11.71
CA THR A 83 15.70 -3.00 -10.78
C THR A 83 14.50 -2.07 -10.66
N ASN A 84 13.72 -1.93 -11.72
CA ASN A 84 12.79 -0.83 -11.88
C ASN A 84 11.37 -1.33 -12.04
N ARG A 85 10.44 -0.50 -11.62
CA ARG A 85 9.04 -0.79 -11.88
C ARG A 85 8.67 -0.31 -13.28
N ARG A 86 7.47 -0.67 -13.67
CA ARG A 86 6.93 -0.23 -14.95
C ARG A 86 6.96 1.30 -15.00
N PRO A 87 7.58 1.88 -16.02
CA PRO A 87 7.38 3.32 -16.25
C PRO A 87 5.90 3.62 -16.42
N PHE A 88 5.40 4.60 -15.67
CA PHE A 88 4.06 5.15 -15.85
C PHE A 88 4.12 6.65 -15.65
N GLY A 89 3.10 7.33 -16.15
CA GLY A 89 3.11 8.77 -16.12
C GLY A 89 1.95 9.34 -16.88
N PRO A 90 1.97 10.67 -17.17
CA PRO A 90 3.09 11.60 -17.02
C PRO A 90 3.43 11.85 -15.55
N VAL A 91 4.70 12.11 -15.25
CA VAL A 91 5.16 12.11 -13.87
C VAL A 91 5.84 13.44 -13.51
N GLY A 92 6.57 14.04 -14.43
CA GLY A 92 7.14 15.36 -14.17
C GLY A 92 8.29 15.28 -13.18
N PHE A 93 8.32 16.20 -12.22
CA PHE A 93 9.38 16.21 -11.21
C PHE A 93 9.32 15.00 -10.29
N MET A 94 8.19 14.28 -10.28
CA MET A 94 8.02 13.09 -9.45
C MET A 94 8.82 11.89 -9.97
N LYS A 95 9.54 12.03 -11.09
CA LYS A 95 10.48 10.99 -11.49
C LYS A 95 11.61 10.85 -10.48
N SER A 96 11.89 11.90 -9.70
CA SER A 96 12.87 11.85 -8.62
C SER A 96 12.35 11.13 -7.38
N ALA A 97 11.06 10.80 -7.34
CA ALA A 97 10.54 10.08 -6.19
C ALA A 97 11.10 8.67 -6.18
N ILE A 98 11.46 8.21 -4.99
CA ILE A 98 12.21 6.95 -4.86
C ILE A 98 11.44 5.81 -5.50
N SER A 99 10.12 5.80 -5.34
CA SER A 99 9.34 4.68 -5.84
C SER A 99 9.25 4.68 -7.38
N ILE A 100 9.60 5.79 -8.02
CA ILE A 100 9.56 5.92 -9.47
C ILE A 100 10.95 5.95 -10.07
N ALA A 101 11.97 6.32 -9.31
CA ALA A 101 13.32 6.39 -9.81
C ALA A 101 13.83 5.01 -10.25
N GLU A 102 14.86 5.03 -11.08
CA GLU A 102 15.39 3.86 -11.75
C GLU A 102 16.88 3.75 -11.52
N ASP A 103 17.38 2.51 -11.58
CA ASP A 103 18.81 2.12 -11.54
C ASP A 103 19.57 2.97 -10.53
N GLU A 104 20.71 3.55 -10.89
CA GLU A 104 21.60 4.13 -9.89
C GLU A 104 20.95 5.32 -9.18
N GLU A 105 20.02 6.03 -9.84
CA GLU A 105 19.33 7.09 -9.12
C GLU A 105 18.46 6.51 -8.02
N TRP A 106 17.69 5.46 -8.33
CA TRP A 106 16.91 4.83 -7.27
C TRP A 106 17.83 4.35 -6.16
N LYS A 107 18.96 3.72 -6.54
CA LYS A 107 19.92 3.24 -5.56
C LYS A 107 20.38 4.36 -4.63
N ARG A 108 20.71 5.51 -5.20
CA ARG A 108 21.09 6.66 -4.36
C ARG A 108 19.97 7.05 -3.38
N LEU A 109 18.74 7.13 -3.87
CA LEU A 109 17.66 7.55 -2.99
C LEU A 109 17.34 6.48 -1.97
N ARG A 110 17.51 5.21 -2.33
CA ARG A 110 17.26 4.16 -1.34
C ARG A 110 18.32 4.20 -0.25
N SER A 111 19.57 4.39 -0.64
CA SER A 111 20.64 4.53 0.34
C SER A 111 20.44 5.78 1.17
N LEU A 112 20.01 6.87 0.55
CA LEU A 112 19.84 8.12 1.28
C LEU A 112 18.62 8.09 2.17
N LEU A 113 17.62 7.27 1.87
CA LEU A 113 16.40 7.25 2.67
C LEU A 113 16.33 6.12 3.69
N SER A 114 17.16 5.07 3.55
CA SER A 114 17.11 3.93 4.47
C SER A 114 17.24 4.32 5.94
N PRO A 115 18.21 5.12 6.36
CA PRO A 115 18.32 5.41 7.81
C PRO A 115 17.11 6.13 8.39
N THR A 116 16.24 6.69 7.54
CA THR A 116 15.06 7.40 8.00
C THR A 116 13.96 6.44 8.44
N PHE A 117 14.05 5.18 8.00
CA PHE A 117 13.00 4.20 8.28
C PHE A 117 13.48 3.05 9.15
N THR A 118 14.29 3.34 10.15
CA THR A 118 14.76 2.32 11.06
C THR A 118 13.84 2.23 12.27
N SER A 119 14.08 1.19 13.07
CA SER A 119 13.40 1.09 14.35
C SER A 119 13.66 2.31 15.23
N GLY A 120 14.89 2.84 15.17
CA GLY A 120 15.25 3.95 16.04
C GLY A 120 14.47 5.21 15.79
N LYS A 121 14.24 5.53 14.50
CA LYS A 121 13.47 6.74 14.16
C LYS A 121 11.99 6.53 14.41
N LEU A 122 11.51 5.31 14.21
CA LEU A 122 10.14 5.00 14.56
C LEU A 122 9.91 5.13 16.08
N LYS A 123 10.85 4.65 16.90
CA LYS A 123 10.66 4.73 18.35
C LYS A 123 10.56 6.18 18.82
N GLU A 124 11.26 7.11 18.15
CA GLU A 124 11.08 8.52 18.50
C GLU A 124 9.79 9.09 17.95
N MET A 125 9.21 8.48 16.91
CA MET A 125 7.95 8.91 16.32
C MET A 125 6.71 8.40 17.07
N VAL A 126 6.83 7.28 17.80
CA VAL A 126 5.66 6.72 18.50
C VAL A 126 5.00 7.72 19.45
N PRO A 127 5.73 8.48 20.26
CA PRO A 127 5.07 9.47 21.12
C PRO A 127 4.26 10.51 20.35
N ILE A 128 4.79 11.02 19.23
CA ILE A 128 4.05 12.04 18.49
C ILE A 128 2.85 11.43 17.78
N ILE A 129 3.03 10.26 17.15
CA ILE A 129 1.89 9.63 16.49
C ILE A 129 0.87 9.14 17.51
N ALA A 130 1.28 8.96 18.76
CA ALA A 130 0.31 8.63 19.81
C ALA A 130 -0.63 9.80 20.09
N GLN A 131 -0.12 11.03 19.99
CA GLN A 131 -0.96 12.20 20.22
C GLN A 131 -2.20 12.18 19.33
N TYR A 132 -2.11 11.57 18.16
CA TYR A 132 -3.23 11.59 17.24
C TYR A 132 -4.13 10.37 17.37
N GLY A 133 -3.65 9.28 17.97
CA GLY A 133 -4.55 8.27 18.46
C GLY A 133 -5.60 8.88 19.37
N ASP A 134 -5.19 9.85 20.20
CA ASP A 134 -6.10 10.45 21.17
C ASP A 134 -7.08 11.41 20.50
N VAL A 135 -6.66 12.18 19.49
CA VAL A 135 -7.66 12.96 18.77
C VAL A 135 -8.63 12.01 18.09
N LEU A 136 -8.10 10.96 17.44
CA LEU A 136 -8.94 9.95 16.80
C LEU A 136 -10.06 9.49 17.72
N VAL A 137 -9.73 9.17 18.98
CA VAL A 137 -10.76 8.65 19.88
C VAL A 137 -11.80 9.74 20.18
N ARG A 138 -11.38 11.00 20.25
CA ARG A 138 -12.32 12.07 20.54
C ARG A 138 -13.28 12.29 19.36
N ASN A 139 -12.74 12.45 18.13
CA ASN A 139 -13.64 12.65 16.99
C ASN A 139 -14.57 11.46 16.82
N LEU A 140 -14.06 10.25 17.05
CA LEU A 140 -14.89 9.07 16.98
C LEU A 140 -15.96 9.09 18.07
N ARG A 141 -15.54 9.26 19.32
CA ARG A 141 -16.50 9.40 20.42
C ARG A 141 -17.63 10.36 20.07
N ARG A 142 -17.28 11.48 19.43
CA ARG A 142 -18.30 12.43 18.98
C ARG A 142 -19.21 11.79 17.93
N GLU A 143 -18.63 11.32 16.82
CA GLU A 143 -19.43 10.67 15.78
C GLU A 143 -20.09 9.39 16.31
N ALA A 144 -19.53 8.79 17.37
CA ALA A 144 -20.13 7.63 17.99
C ALA A 144 -21.29 8.01 18.90
N GLU A 145 -21.10 9.07 19.72
CA GLU A 145 -22.20 9.54 20.57
C GLU A 145 -23.41 9.99 19.75
N THR A 146 -23.21 10.28 18.46
CA THR A 146 -24.31 10.52 17.53
C THR A 146 -25.26 9.34 17.43
N GLY A 147 -24.86 8.16 17.90
CA GLY A 147 -25.66 6.95 17.80
C GLY A 147 -25.81 6.53 16.36
N LYS A 148 -25.11 7.22 15.51
CA LYS A 148 -25.29 7.12 14.09
C LYS A 148 -24.13 6.34 13.49
N PRO A 149 -24.42 5.41 12.55
CA PRO A 149 -23.35 4.77 11.77
C PRO A 149 -22.27 5.75 11.35
N VAL A 150 -21.01 5.34 11.46
CA VAL A 150 -19.86 6.22 11.23
C VAL A 150 -19.13 5.77 9.98
N THR A 151 -18.69 6.73 9.18
CA THR A 151 -17.87 6.45 8.01
C THR A 151 -16.42 6.38 8.44
N LEU A 152 -15.88 5.16 8.47
CA LEU A 152 -14.53 4.96 8.97
C LEU A 152 -13.52 5.75 8.17
N LYS A 153 -13.63 5.72 6.84
CA LYS A 153 -12.67 6.43 5.99
C LYS A 153 -12.64 7.92 6.28
N ASP A 154 -13.64 8.47 6.97
CA ASP A 154 -13.62 9.89 7.30
C ASP A 154 -12.92 10.18 8.63
N VAL A 155 -13.11 9.34 9.64
CA VAL A 155 -12.32 9.50 10.86
C VAL A 155 -10.94 8.87 10.70
N PHE A 156 -10.83 7.75 9.97
CA PHE A 156 -9.49 7.20 9.70
C PHE A 156 -8.73 8.06 8.71
N GLY A 157 -9.40 8.56 7.67
CA GLY A 157 -8.75 9.45 6.74
C GLY A 157 -8.28 10.74 7.37
N ALA A 158 -8.98 11.21 8.40
CA ALA A 158 -8.50 12.35 9.16
C ALA A 158 -7.28 11.99 10.00
N TYR A 159 -7.31 10.82 10.66
CA TYR A 159 -6.20 10.40 11.51
C TYR A 159 -4.92 10.22 10.70
N SER A 160 -4.98 9.34 9.70
CA SER A 160 -3.79 9.02 8.92
C SER A 160 -3.20 10.27 8.27
N MET A 161 -4.07 11.16 7.80
CA MET A 161 -3.68 12.52 7.44
C MET A 161 -2.93 13.21 8.58
N ASP A 162 -3.56 13.25 9.77
CA ASP A 162 -2.95 13.94 10.90
C ASP A 162 -1.56 13.37 11.20
N VAL A 163 -1.39 12.07 11.02
CA VAL A 163 -0.12 11.43 11.35
C VAL A 163 0.97 11.81 10.36
N ILE A 164 0.68 11.67 9.07
CA ILE A 164 1.71 11.79 8.05
C ILE A 164 2.27 13.22 8.01
N THR A 165 1.44 14.23 8.30
CA THR A 165 1.91 15.60 8.20
C THR A 165 2.90 15.93 9.30
N SER A 166 2.62 15.50 10.53
CA SER A 166 3.53 15.83 11.63
C SER A 166 4.77 14.96 11.60
N THR A 167 4.69 13.73 11.09
CA THR A 167 5.89 12.91 11.00
C THR A 167 6.77 13.30 9.82
N SER A 168 6.21 14.01 8.84
CA SER A 168 6.95 14.45 7.66
C SER A 168 7.23 15.95 7.61
N PHE A 169 6.48 16.77 8.36
CA PHE A 169 6.77 18.19 8.47
C PHE A 169 6.53 18.79 9.86
N GLY A 170 6.16 18.00 10.85
CA GLY A 170 5.95 18.52 12.19
C GLY A 170 4.73 19.40 12.35
N VAL A 171 3.90 19.53 11.32
CA VAL A 171 2.72 20.38 11.39
C VAL A 171 1.63 19.62 12.13
N ASN A 172 1.24 20.11 13.30
CA ASN A 172 0.27 19.44 14.14
C ASN A 172 -1.09 20.09 13.91
N ILE A 173 -2.00 19.33 13.31
CA ILE A 173 -3.35 19.81 12.99
C ILE A 173 -4.34 18.69 13.24
N ASP A 174 -5.58 19.08 13.49
CA ASP A 174 -6.72 18.17 13.56
C ASP A 174 -7.47 18.41 12.25
N SER A 175 -7.30 17.49 11.30
CA SER A 175 -7.89 17.70 9.99
C SER A 175 -9.42 17.68 10.05
N LEU A 176 -9.99 16.96 11.01
CA LEU A 176 -11.44 16.91 11.12
C LEU A 176 -12.03 18.13 11.81
N ASN A 177 -11.21 18.95 12.49
CA ASN A 177 -11.74 20.09 13.23
C ASN A 177 -11.03 21.41 12.99
N ASN A 178 -9.77 21.42 12.53
CA ASN A 178 -9.21 22.64 11.95
C ASN A 178 -9.10 22.35 10.46
N PRO A 179 -10.22 22.38 9.75
CA PRO A 179 -10.17 21.99 8.34
C PRO A 179 -9.72 23.15 7.44
N GLN A 180 -9.05 24.14 8.01
CA GLN A 180 -8.68 25.37 7.31
C GLN A 180 -7.20 25.63 7.20
N ASP A 181 -6.38 25.03 8.07
CA ASP A 181 -4.95 25.30 8.03
C ASP A 181 -4.42 25.02 6.64
N PRO A 182 -3.72 25.97 6.00
CA PRO A 182 -3.24 25.76 4.62
C PRO A 182 -2.50 24.45 4.42
N PHE A 183 -1.86 23.90 5.46
CA PHE A 183 -1.16 22.63 5.31
C PHE A 183 -2.14 21.47 5.20
N VAL A 184 -3.23 21.50 5.97
CA VAL A 184 -4.28 20.50 5.80
C VAL A 184 -4.96 20.68 4.45
N GLU A 185 -5.23 21.93 4.08
CA GLU A 185 -5.84 22.24 2.79
C GLU A 185 -5.06 21.65 1.63
N ASN A 186 -3.80 22.08 1.48
CA ASN A 186 -2.96 21.63 0.38
C ASN A 186 -2.87 20.12 0.34
N THR A 187 -2.60 19.51 1.50
CA THR A 187 -2.39 18.07 1.56
C THR A 187 -3.68 17.30 1.26
N LYS A 188 -4.84 17.88 1.57
CA LYS A 188 -6.10 17.20 1.31
C LYS A 188 -6.36 17.01 -0.18
N LYS A 189 -5.89 17.95 -1.01
CA LYS A 189 -6.23 17.94 -2.43
C LYS A 189 -5.74 16.67 -3.13
N LEU A 190 -4.61 16.13 -2.70
CA LEU A 190 -4.09 14.89 -3.24
C LEU A 190 -4.77 13.69 -2.58
N PRO A 198 -10.25 7.03 -14.74
CA PRO A 198 -10.65 7.13 -16.14
C PRO A 198 -9.45 7.35 -17.06
N PHE A 199 -8.47 8.10 -16.52
CA PHE A 199 -7.28 8.45 -17.26
C PHE A 199 -6.30 7.29 -17.31
N PHE A 200 -6.16 6.55 -16.20
CA PHE A 200 -5.31 5.37 -16.17
C PHE A 200 -5.70 4.40 -17.29
N LEU A 201 -7.01 4.15 -17.47
CA LEU A 201 -7.47 3.30 -18.55
C LEU A 201 -6.84 3.71 -19.88
N SER A 202 -6.78 5.01 -20.14
CA SER A 202 -6.35 5.47 -21.44
C SER A 202 -4.83 5.36 -21.63
N ILE A 203 -4.03 5.70 -20.60
CA ILE A 203 -2.57 5.74 -20.78
C ILE A 203 -1.92 4.36 -20.72
N THR A 204 -2.71 3.29 -20.64
CA THR A 204 -2.18 1.94 -20.78
C THR A 204 -2.39 1.38 -22.18
N VAL A 205 -3.43 1.83 -22.86
CA VAL A 205 -3.61 1.52 -24.27
C VAL A 205 -3.06 2.62 -25.17
N PHE A 206 -2.67 3.76 -24.59
CA PHE A 206 -1.96 4.81 -25.33
C PHE A 206 -0.68 5.26 -24.61
N PRO A 207 0.20 4.35 -24.16
CA PRO A 207 1.42 4.83 -23.49
C PRO A 207 2.33 5.66 -24.39
N PHE A 208 2.18 5.55 -25.71
CA PHE A 208 2.92 6.43 -26.62
C PHE A 208 2.55 7.90 -26.47
N LEU A 209 1.60 8.23 -25.60
CA LEU A 209 1.17 9.60 -25.34
C LEU A 209 1.76 10.19 -24.07
N ILE A 210 2.43 9.39 -23.25
CA ILE A 210 3.02 9.92 -22.01
C ILE A 210 4.05 11.02 -22.30
N PRO A 211 4.99 10.85 -23.24
CA PRO A 211 5.90 11.97 -23.54
C PRO A 211 5.21 13.27 -23.95
N ILE A 212 4.03 13.19 -24.59
CA ILE A 212 3.30 14.41 -24.93
C ILE A 212 2.84 15.14 -23.68
N LEU A 213 2.15 14.42 -22.78
CA LEU A 213 1.70 15.05 -21.54
C LEU A 213 2.88 15.61 -20.76
N GLU A 214 4.07 15.03 -20.93
CA GLU A 214 5.22 15.49 -20.18
C GLU A 214 5.67 16.87 -20.65
N VAL A 215 5.79 17.08 -21.96
CA VAL A 215 6.19 18.38 -22.47
C VAL A 215 5.08 19.40 -22.39
N LEU A 216 3.87 19.00 -21.96
CA LEU A 216 2.79 19.95 -21.76
C LEU A 216 2.58 20.32 -20.30
N ASN A 217 3.58 20.06 -19.44
CA ASN A 217 3.52 20.31 -18.00
C ASN A 217 2.35 19.61 -17.34
N ILE A 218 1.64 18.75 -18.08
CA ILE A 218 0.52 17.99 -17.54
C ILE A 218 1.05 16.94 -16.58
N CYS A 219 0.42 16.84 -15.43
CA CYS A 219 0.93 15.91 -14.43
C CYS A 219 -0.26 15.36 -13.66
N VAL A 220 -0.24 14.06 -13.37
CA VAL A 220 -1.28 13.43 -12.56
C VAL A 220 -1.24 13.94 -11.12
N PHE A 221 -0.11 14.49 -10.68
CA PHE A 221 -0.01 15.12 -9.36
C PHE A 221 -0.33 16.60 -9.49
N PRO A 222 -1.41 17.11 -8.86
CA PRO A 222 -1.82 18.51 -9.08
C PRO A 222 -0.69 19.51 -8.84
N ARG A 223 -0.24 20.17 -9.90
CA ARG A 223 0.84 21.15 -9.76
C ARG A 223 0.42 22.32 -8.87
N GLU A 224 -0.86 22.68 -8.90
CA GLU A 224 -1.43 23.70 -8.03
C GLU A 224 -0.98 23.47 -6.59
N VAL A 225 -0.90 22.21 -6.20
CA VAL A 225 -0.49 21.84 -4.84
C VAL A 225 1.03 21.88 -4.72
N THR A 226 1.73 21.05 -5.49
CA THR A 226 3.17 20.82 -5.40
C THR A 226 3.97 22.07 -5.07
N ASN A 227 3.63 23.18 -5.75
CA ASN A 227 4.28 24.45 -5.44
C ASN A 227 4.19 24.79 -3.96
N PHE A 228 2.97 24.80 -3.42
CA PHE A 228 2.76 25.02 -1.98
C PHE A 228 3.80 24.28 -1.15
N LEU A 229 4.02 22.99 -1.45
CA LEU A 229 4.90 22.17 -0.62
C LEU A 229 6.34 22.65 -0.71
N ARG A 230 6.91 22.72 -1.92
CA ARG A 230 8.29 23.19 -2.09
C ARG A 230 8.53 24.53 -1.41
N LYS A 231 7.49 25.38 -1.34
CA LYS A 231 7.56 26.59 -0.52
C LYS A 231 7.49 26.26 0.97
N SER A 232 6.60 25.33 1.36
CA SER A 232 6.56 25.01 2.79
C SER A 232 7.86 24.39 3.24
N VAL A 233 8.55 23.66 2.36
CA VAL A 233 9.85 23.10 2.71
C VAL A 233 10.88 24.20 2.96
N LYS A 234 10.86 25.28 2.18
CA LYS A 234 11.92 26.28 2.36
C LYS A 234 11.73 27.05 3.67
N ARG A 235 10.49 27.33 4.08
CA ARG A 235 10.33 27.98 5.38
C ARG A 235 10.77 27.05 6.52
N MET A 236 10.54 25.72 6.38
CA MET A 236 11.11 24.75 7.34
C MET A 236 12.62 24.61 7.20
N LYS A 237 13.16 24.90 6.02
CA LYS A 237 14.60 24.71 5.80
C LYS A 237 15.44 25.55 6.76
N GLU A 238 14.82 26.51 7.44
CA GLU A 238 15.51 27.18 8.53
C GLU A 238 14.56 27.83 9.52
N ASP A 250 10.84 14.49 12.83
CA ASP A 250 10.02 14.25 11.63
C ASP A 250 10.85 13.96 10.38
N PHE A 251 10.16 13.64 9.28
CA PHE A 251 10.82 13.15 8.07
C PHE A 251 11.67 14.22 7.40
N LEU A 252 11.17 15.46 7.33
CA LEU A 252 11.89 16.50 6.61
C LEU A 252 13.26 16.76 7.21
N GLN A 253 13.34 16.90 8.53
CA GLN A 253 14.62 17.16 9.16
C GLN A 253 15.59 16.00 8.92
N LEU A 254 15.15 14.77 9.18
CA LEU A 254 15.99 13.60 8.93
C LEU A 254 16.64 13.65 7.55
N MET A 255 15.88 14.08 6.54
CA MET A 255 16.45 14.22 5.21
C MET A 255 17.35 15.45 5.11
N ILE A 256 16.91 16.59 5.66
CA ILE A 256 17.74 17.81 5.59
C ILE A 256 19.04 17.62 6.37
N ASP A 257 18.96 17.03 7.55
CA ASP A 257 20.11 16.86 8.41
C ASP A 257 21.18 16.00 7.75
N HIS A 267 27.60 8.40 -1.02
CA HIS A 267 26.92 8.93 -2.20
C HIS A 267 27.07 10.46 -2.33
N LYS A 268 26.11 11.07 -3.04
CA LYS A 268 25.99 12.53 -3.14
C LYS A 268 24.72 12.99 -2.43
N ALA A 269 24.80 14.14 -1.77
CA ALA A 269 23.74 14.62 -0.90
C ALA A 269 22.45 14.89 -1.68
N LEU A 270 21.33 14.88 -0.95
CA LEU A 270 20.02 15.16 -1.53
C LEU A 270 19.90 16.64 -1.90
N SER A 271 18.89 16.94 -2.69
CA SER A 271 18.63 18.28 -3.17
C SER A 271 17.27 18.76 -2.68
N ASP A 272 16.99 20.04 -2.95
CA ASP A 272 15.78 20.66 -2.44
C ASP A 272 14.54 20.09 -3.12
N LEU A 273 14.51 20.13 -4.45
CA LEU A 273 13.37 19.59 -5.17
C LEU A 273 13.24 18.09 -4.98
N GLU A 274 14.37 17.38 -4.95
CA GLU A 274 14.32 15.96 -4.61
C GLU A 274 13.65 15.77 -3.27
N LEU A 275 13.95 16.62 -2.30
CA LEU A 275 13.32 16.52 -0.99
C LEU A 275 11.81 16.50 -1.11
N VAL A 276 11.26 17.35 -1.98
CA VAL A 276 9.81 17.50 -2.08
C VAL A 276 9.18 16.28 -2.72
N ALA A 277 9.83 15.70 -3.72
CA ALA A 277 9.23 14.54 -4.39
C ALA A 277 9.09 13.36 -3.44
N GLN A 278 10.07 13.15 -2.56
CA GLN A 278 10.03 12.05 -1.61
C GLN A 278 8.93 12.26 -0.57
N SER A 279 8.76 13.49 -0.10
CA SER A 279 7.71 13.78 0.87
C SER A 279 6.34 13.49 0.27
N ILE A 280 6.10 13.97 -0.95
CA ILE A 280 4.86 13.69 -1.66
C ILE A 280 4.58 12.19 -1.71
N ILE A 281 5.61 11.39 -1.99
CA ILE A 281 5.36 9.95 -1.98
C ILE A 281 4.96 9.49 -0.59
N PHE A 282 5.56 10.08 0.45
CA PHE A 282 5.24 9.61 1.80
C PHE A 282 3.80 9.91 2.17
N ILE A 283 3.29 11.09 1.80
CA ILE A 283 1.93 11.45 2.15
C ILE A 283 0.92 10.53 1.46
N PHE A 284 1.12 10.26 0.17
CA PHE A 284 0.29 9.29 -0.53
C PHE A 284 0.34 7.94 0.19
N ALA A 285 1.55 7.46 0.47
CA ALA A 285 1.68 6.20 1.19
C ALA A 285 1.02 6.26 2.56
N GLY A 286 1.32 7.31 3.33
CA GLY A 286 0.76 7.42 4.66
C GLY A 286 -0.76 7.52 4.66
N TYR A 287 -1.33 8.21 3.67
CA TYR A 287 -2.77 8.45 3.68
C TYR A 287 -3.57 7.27 3.13
N GLU A 288 -3.50 7.02 1.83
CA GLU A 288 -4.48 6.09 1.25
C GLU A 288 -4.22 4.66 1.68
N THR A 289 -2.97 4.28 1.93
CA THR A 289 -2.74 2.92 2.41
C THR A 289 -3.34 2.72 3.78
N THR A 290 -2.96 3.59 4.73
CA THR A 290 -3.31 3.40 6.15
C THR A 290 -4.83 3.46 6.35
N SER A 291 -5.46 4.51 5.83
CA SER A 291 -6.90 4.66 6.00
C SER A 291 -7.64 3.49 5.35
N SER A 292 -7.16 3.03 4.20
CA SER A 292 -7.80 1.90 3.52
C SER A 292 -7.64 0.62 4.32
N VAL A 293 -6.42 0.31 4.75
CA VAL A 293 -6.18 -0.92 5.50
C VAL A 293 -6.97 -0.90 6.82
N LEU A 294 -6.96 0.23 7.53
CA LEU A 294 -7.69 0.32 8.78
C LEU A 294 -9.17 0.08 8.56
N SER A 295 -9.71 0.67 7.50
CA SER A 295 -11.09 0.38 7.12
C SER A 295 -11.28 -1.12 6.95
N PHE A 296 -10.43 -1.74 6.12
CA PHE A 296 -10.46 -3.20 5.96
C PHE A 296 -10.38 -3.92 7.33
N ILE A 297 -9.42 -3.53 8.18
CA ILE A 297 -9.29 -4.15 9.52
C ILE A 297 -10.62 -4.12 10.25
N MET A 298 -11.16 -2.90 10.45
CA MET A 298 -12.36 -2.71 11.24
C MET A 298 -13.56 -3.44 10.64
N TYR A 299 -13.65 -3.50 9.31
CA TYR A 299 -14.69 -4.33 8.69
C TYR A 299 -14.55 -5.80 9.14
N GLU A 300 -13.33 -6.34 9.05
CA GLU A 300 -13.09 -7.71 9.51
C GLU A 300 -13.37 -7.86 11.01
N LEU A 301 -12.96 -6.89 11.82
CA LEU A 301 -13.24 -6.98 13.26
C LEU A 301 -14.74 -6.89 13.54
N ALA A 302 -15.47 -6.10 12.75
CA ALA A 302 -16.91 -6.00 13.02
C ALA A 302 -17.62 -7.29 12.62
N THR A 303 -17.21 -7.91 11.50
CA THR A 303 -17.86 -9.14 11.07
C THR A 303 -17.29 -10.39 11.76
N HIS A 304 -16.25 -10.26 12.60
CA HIS A 304 -15.80 -11.35 13.44
C HIS A 304 -15.67 -10.86 14.88
N PRO A 305 -16.81 -10.71 15.60
CA PRO A 305 -16.77 -10.21 16.99
C PRO A 305 -15.86 -10.98 17.92
N ASP A 306 -15.71 -12.29 17.71
CA ASP A 306 -14.79 -13.08 18.53
C ASP A 306 -13.35 -12.62 18.33
N VAL A 307 -12.96 -12.31 17.09
CA VAL A 307 -11.62 -11.79 16.84
C VAL A 307 -11.46 -10.43 17.49
N GLN A 308 -12.44 -9.55 17.29
CA GLN A 308 -12.41 -8.25 17.92
C GLN A 308 -12.25 -8.36 19.43
N GLN A 309 -13.08 -9.20 20.07
CA GLN A 309 -13.01 -9.34 21.52
C GLN A 309 -11.64 -9.86 21.95
N LYS A 310 -11.18 -10.95 21.32
CA LYS A 310 -9.89 -11.53 21.65
C LYS A 310 -8.79 -10.49 21.47
N LEU A 311 -8.91 -9.66 20.44
CA LEU A 311 -7.95 -8.58 20.26
C LEU A 311 -8.05 -7.60 21.43
N GLN A 312 -9.29 -7.27 21.86
CA GLN A 312 -9.42 -6.28 22.92
C GLN A 312 -8.91 -6.84 24.22
N GLU A 313 -9.12 -8.14 24.44
CA GLU A 313 -8.59 -8.78 25.65
C GLU A 313 -7.07 -8.73 25.65
N GLU A 314 -6.44 -8.92 24.50
CA GLU A 314 -4.99 -8.79 24.46
C GLU A 314 -4.58 -7.35 24.76
N ILE A 315 -5.20 -6.37 24.07
CA ILE A 315 -4.91 -4.97 24.37
C ILE A 315 -5.13 -4.64 25.84
N ASP A 316 -6.20 -5.18 26.45
CA ASP A 316 -6.48 -4.84 27.84
C ASP A 316 -5.48 -5.49 28.79
N ALA A 317 -4.92 -6.63 28.41
CA ALA A 317 -3.97 -7.33 29.28
C ALA A 317 -2.59 -6.69 29.20
N VAL A 318 -2.11 -6.42 27.98
CA VAL A 318 -0.85 -5.72 27.80
C VAL A 318 -0.96 -4.27 28.29
N LEU A 319 -2.10 -3.64 28.01
CA LEU A 319 -2.29 -2.22 28.40
C LEU A 319 -3.46 -2.12 29.39
N PRO A 320 -3.22 -2.35 30.71
CA PRO A 320 -4.31 -2.31 31.69
C PRO A 320 -4.89 -0.91 31.83
N ASN A 321 -6.21 -0.87 31.99
CA ASN A 321 -6.97 0.36 32.27
C ASN A 321 -6.68 1.43 31.22
N LYS A 322 -6.75 1.04 29.95
CA LYS A 322 -6.61 1.96 28.82
C LYS A 322 -5.29 2.72 28.91
N ALA A 323 -4.20 1.98 29.14
CA ALA A 323 -2.90 2.59 29.25
C ALA A 323 -2.42 3.11 27.89
N PRO A 324 -1.47 4.06 27.88
CA PRO A 324 -0.88 4.54 26.62
C PRO A 324 -0.06 3.52 25.79
N PRO A 325 -0.44 3.26 24.50
CA PRO A 325 0.40 2.38 23.67
C PRO A 325 1.77 3.01 23.51
N THR A 326 2.78 2.16 23.58
CA THR A 326 4.15 2.56 23.33
C THR A 326 4.77 1.58 22.35
N TYR A 327 5.97 1.93 21.89
CA TYR A 327 6.67 1.16 20.88
C TYR A 327 6.89 -0.28 21.34
N ASP A 328 7.52 -0.44 22.50
CA ASP A 328 7.86 -1.77 23.00
C ASP A 328 6.60 -2.58 23.30
N THR A 329 5.55 -1.92 23.77
CA THR A 329 4.27 -2.56 24.01
C THR A 329 3.65 -3.14 22.73
N VAL A 330 3.63 -2.33 21.66
CA VAL A 330 3.02 -2.77 20.40
C VAL A 330 3.66 -4.06 19.93
N LEU A 331 4.98 -4.16 20.09
CA LEU A 331 5.70 -5.33 19.59
C LEU A 331 5.47 -6.57 20.43
N GLN A 332 4.78 -6.45 21.57
CA GLN A 332 4.40 -7.62 22.34
C GLN A 332 3.02 -8.15 22.00
N MET A 333 2.23 -7.44 21.19
CA MET A 333 0.86 -7.87 20.93
C MET A 333 0.88 -8.80 19.73
N GLU A 334 0.95 -10.12 20.00
CA GLU A 334 1.05 -11.09 18.92
C GLU A 334 -0.25 -11.20 18.13
N TYR A 335 -1.38 -11.22 18.82
CA TYR A 335 -2.66 -11.38 18.15
C TYR A 335 -2.96 -10.15 17.30
N LEU A 336 -2.72 -8.95 17.84
CA LEU A 336 -2.79 -7.74 17.05
C LEU A 336 -1.98 -7.88 15.78
N ASP A 337 -0.78 -8.46 15.90
CA ASP A 337 0.04 -8.65 14.72
C ASP A 337 -0.60 -9.66 13.77
N MET A 338 -1.17 -10.73 14.31
CA MET A 338 -1.81 -11.75 13.49
C MET A 338 -2.99 -11.18 12.72
N VAL A 339 -3.77 -10.29 13.38
CA VAL A 339 -4.92 -9.64 12.76
C VAL A 339 -4.49 -8.77 11.59
N VAL A 340 -3.51 -7.88 11.79
CA VAL A 340 -3.08 -7.02 10.67
C VAL A 340 -2.57 -7.87 9.51
N ASN A 341 -1.80 -8.93 9.81
CA ASN A 341 -1.22 -9.76 8.75
C ASN A 341 -2.29 -10.47 7.94
N GLU A 342 -3.29 -11.05 8.61
CA GLU A 342 -4.35 -11.73 7.88
C GLU A 342 -5.19 -10.74 7.06
N THR A 343 -5.41 -9.52 7.58
CA THR A 343 -6.10 -8.53 6.77
C THR A 343 -5.28 -8.19 5.53
N LEU A 344 -3.96 -8.04 5.70
CA LEU A 344 -3.10 -7.73 4.57
C LEU A 344 -3.02 -8.90 3.60
N ARG A 345 -3.23 -10.13 4.09
CA ARG A 345 -3.36 -11.25 3.17
C ARG A 345 -4.58 -11.06 2.28
N LEU A 346 -5.74 -10.75 2.88
CA LEU A 346 -6.97 -10.59 2.11
C LEU A 346 -6.96 -9.33 1.25
N PHE A 347 -6.24 -8.29 1.70
CA PHE A 347 -6.28 -6.97 1.06
C PHE A 347 -4.87 -6.41 0.92
N PRO A 348 -4.08 -6.97 0.00
CA PRO A 348 -2.74 -6.44 -0.22
C PRO A 348 -2.79 -5.25 -1.15
N ILE A 349 -2.73 -4.04 -0.58
CA ILE A 349 -3.12 -2.84 -1.34
C ILE A 349 -2.26 -2.60 -2.55
N ALA A 350 -1.06 -3.20 -2.63
CA ALA A 350 -0.29 -3.06 -3.87
C ALA A 350 -0.86 -3.90 -5.00
N MET A 351 -1.55 -5.01 -4.66
CA MET A 351 -2.24 -5.91 -5.56
C MET A 351 -1.31 -6.75 -6.42
N ARG A 352 -0.25 -6.14 -6.92
CA ARG A 352 0.68 -6.76 -7.85
C ARG A 352 2.05 -6.18 -7.56
N LEU A 353 3.08 -6.98 -7.70
CA LEU A 353 4.43 -6.42 -7.74
C LEU A 353 4.93 -6.49 -9.16
N GLU A 354 5.79 -5.54 -9.53
CA GLU A 354 6.23 -5.49 -10.91
C GLU A 354 7.68 -5.06 -10.96
N ARG A 355 8.38 -5.65 -11.93
CA ARG A 355 9.74 -5.29 -12.30
C ARG A 355 9.83 -5.39 -13.81
N VAL A 356 10.50 -4.41 -14.41
CA VAL A 356 10.87 -4.44 -15.82
C VAL A 356 12.15 -5.23 -15.98
N CYS A 357 12.15 -6.14 -16.95
CA CYS A 357 13.34 -6.89 -17.34
C CYS A 357 14.25 -5.99 -18.16
N LYS A 358 15.42 -5.64 -17.61
CA LYS A 358 16.37 -4.74 -18.25
C LYS A 358 17.18 -5.38 -19.37
N LYS A 359 17.20 -6.70 -19.48
CA LYS A 359 18.09 -7.35 -20.44
C LYS A 359 17.59 -8.77 -20.62
N ASP A 360 17.91 -9.36 -21.77
CA ASP A 360 17.56 -10.76 -21.98
C ASP A 360 18.16 -11.60 -20.84
N VAL A 361 17.32 -12.41 -20.19
CA VAL A 361 17.74 -13.29 -19.08
C VAL A 361 16.94 -14.59 -19.11
N GLU A 362 17.48 -15.60 -18.43
CA GLU A 362 16.86 -16.93 -18.36
C GLU A 362 16.82 -17.35 -16.89
N ILE A 363 15.69 -17.09 -16.21
CA ILE A 363 15.57 -17.35 -14.78
C ILE A 363 14.86 -18.68 -14.55
N ASN A 364 15.31 -19.43 -13.55
CA ASN A 364 14.62 -20.70 -13.17
C ASN A 364 14.05 -21.35 -14.44
N GLY A 365 14.87 -21.57 -15.48
CA GLY A 365 14.45 -22.43 -16.58
C GLY A 365 13.52 -21.83 -17.62
N MET A 366 13.42 -20.50 -17.74
CA MET A 366 12.64 -19.92 -18.82
C MET A 366 13.24 -18.58 -19.23
N PHE A 367 13.21 -18.30 -20.53
CA PHE A 367 13.79 -17.09 -21.10
C PHE A 367 12.79 -15.93 -21.00
N ILE A 368 13.22 -14.82 -20.40
CA ILE A 368 12.46 -13.57 -20.28
C ILE A 368 13.12 -12.52 -21.17
N PRO A 369 12.46 -12.03 -22.21
CA PRO A 369 13.08 -11.04 -23.09
C PRO A 369 13.07 -9.64 -22.50
N LYS A 370 14.03 -8.85 -22.97
CA LYS A 370 14.23 -7.49 -22.49
C LYS A 370 12.95 -6.69 -22.65
N GLY A 371 12.64 -5.84 -21.66
CA GLY A 371 11.51 -4.94 -21.73
C GLY A 371 10.17 -5.54 -21.31
N VAL A 372 10.09 -6.85 -21.11
CA VAL A 372 8.85 -7.43 -20.59
C VAL A 372 8.71 -6.98 -19.14
N VAL A 373 7.48 -6.76 -18.70
CA VAL A 373 7.20 -6.45 -17.31
C VAL A 373 6.92 -7.79 -16.61
N VAL A 374 7.69 -8.10 -15.60
CA VAL A 374 7.41 -9.30 -14.82
C VAL A 374 6.55 -8.91 -13.63
N MET A 375 5.45 -9.62 -13.46
CA MET A 375 4.45 -9.23 -12.48
C MET A 375 4.19 -10.38 -11.52
N ILE A 376 4.13 -10.06 -10.23
CA ILE A 376 3.78 -11.04 -9.19
C ILE A 376 2.38 -10.70 -8.71
N PRO A 377 1.41 -11.57 -8.92
CA PRO A 377 0.02 -11.24 -8.64
C PRO A 377 -0.27 -11.55 -7.18
N SER A 378 0.13 -10.62 -6.30
CA SER A 378 0.03 -10.87 -4.85
C SER A 378 -1.40 -11.17 -4.43
N TYR A 379 -2.34 -10.34 -4.86
CA TYR A 379 -3.73 -10.59 -4.53
C TYR A 379 -4.13 -12.01 -4.84
N ALA A 380 -3.79 -12.48 -6.04
CA ALA A 380 -4.16 -13.84 -6.45
C ALA A 380 -3.39 -14.87 -5.64
N LEU A 381 -2.10 -14.61 -5.42
CA LEU A 381 -1.27 -15.52 -4.61
C LEU A 381 -1.75 -15.60 -3.17
N HIS A 382 -2.31 -14.51 -2.63
CA HIS A 382 -2.78 -14.49 -1.26
C HIS A 382 -4.10 -15.26 -1.09
N ARG A 383 -4.83 -15.50 -2.19
CA ARG A 383 -6.12 -16.21 -2.19
C ARG A 383 -6.08 -17.50 -3.01
N ASP A 384 -4.87 -18.01 -3.25
CA ASP A 384 -4.66 -19.28 -3.92
C ASP A 384 -4.89 -20.46 -2.96
N PRO A 385 -5.75 -21.41 -3.30
CA PRO A 385 -5.89 -22.62 -2.43
C PRO A 385 -4.67 -23.55 -2.39
N LYS A 386 -3.68 -23.41 -3.27
CA LYS A 386 -2.47 -24.22 -3.15
C LYS A 386 -1.77 -23.96 -1.83
N TYR A 387 -1.81 -22.70 -1.36
CA TYR A 387 -1.08 -22.33 -0.16
C TYR A 387 -1.97 -21.96 1.01
N TRP A 388 -3.27 -21.83 0.78
CA TRP A 388 -4.16 -21.30 1.80
C TRP A 388 -5.38 -22.17 1.85
N THR A 389 -5.57 -22.84 2.98
CA THR A 389 -6.83 -23.51 3.23
C THR A 389 -7.89 -22.45 3.44
N GLU A 390 -9.01 -22.59 2.73
CA GLU A 390 -10.11 -21.64 2.79
C GLU A 390 -9.59 -20.22 2.57
N PRO A 391 -9.15 -19.88 1.36
CA PRO A 391 -8.46 -18.59 1.17
C PRO A 391 -9.34 -17.41 1.46
N GLU A 392 -10.66 -17.51 1.24
CA GLU A 392 -11.54 -16.35 1.38
C GLU A 392 -11.96 -16.10 2.81
N LYS A 393 -11.72 -17.02 3.73
CA LYS A 393 -12.08 -16.75 5.12
C LYS A 393 -10.99 -15.93 5.81
N PHE A 394 -11.43 -15.07 6.72
CA PHE A 394 -10.56 -14.27 7.56
C PHE A 394 -10.24 -15.08 8.82
N LEU A 395 -9.00 -15.57 8.91
CA LEU A 395 -8.61 -16.49 9.97
C LEU A 395 -7.23 -16.12 10.50
N PRO A 396 -7.16 -15.21 11.48
CA PRO A 396 -5.86 -14.75 11.98
C PRO A 396 -4.94 -15.88 12.43
N GLU A 397 -5.47 -17.05 12.79
CA GLU A 397 -4.66 -18.15 13.29
C GLU A 397 -3.69 -18.71 12.24
N ARG A 398 -3.93 -18.48 10.95
CA ARG A 398 -2.93 -18.82 9.93
C ARG A 398 -1.59 -18.24 10.26
N PHE A 399 -1.57 -17.13 10.99
CA PHE A 399 -0.35 -16.42 11.31
C PHE A 399 0.12 -16.63 12.74
N SER A 400 -0.47 -17.59 13.45
CA SER A 400 -0.03 -17.92 14.80
C SER A 400 1.40 -18.46 14.77
N LYS A 401 2.10 -18.30 15.90
CA LYS A 401 3.48 -18.81 15.99
C LYS A 401 3.56 -20.27 15.56
N LYS A 402 2.51 -21.06 15.79
CA LYS A 402 2.45 -22.43 15.26
C LYS A 402 2.47 -22.46 13.74
N ASN A 403 1.51 -21.77 13.11
CA ASN A 403 1.30 -21.93 11.68
C ASN A 403 2.06 -20.92 10.84
N LYS A 404 2.61 -19.86 11.44
CA LYS A 404 3.34 -18.87 10.64
C LYS A 404 4.50 -19.50 9.87
N ASP A 405 5.14 -20.54 10.43
CA ASP A 405 6.32 -21.14 9.80
C ASP A 405 6.03 -21.74 8.43
N ASN A 406 4.83 -22.24 8.22
CA ASN A 406 4.45 -22.86 6.95
C ASN A 406 4.13 -21.83 5.85
N ILE A 407 4.30 -20.53 6.09
CA ILE A 407 3.88 -19.49 5.16
C ILE A 407 5.07 -19.02 4.34
N ASP A 408 4.94 -19.13 3.02
CA ASP A 408 6.05 -18.85 2.13
C ASP A 408 6.22 -17.34 1.89
N PRO A 409 7.40 -16.78 2.18
CA PRO A 409 7.59 -15.32 2.04
C PRO A 409 7.52 -14.80 0.60
N TYR A 410 7.56 -15.67 -0.39
CA TYR A 410 7.43 -15.24 -1.76
C TYR A 410 6.05 -15.53 -2.30
N ILE A 411 5.19 -16.13 -1.49
CA ILE A 411 3.75 -16.16 -1.73
C ILE A 411 3.04 -15.00 -1.02
N TYR A 412 3.37 -14.78 0.24
CA TYR A 412 2.70 -13.80 1.06
C TYR A 412 3.60 -12.58 1.07
N THR A 413 3.27 -11.56 0.26
CA THR A 413 4.19 -10.45 -0.02
C THR A 413 3.46 -9.12 0.06
N PRO A 414 2.77 -8.82 1.18
CA PRO A 414 2.04 -7.54 1.25
C PRO A 414 2.93 -6.31 1.15
N PHE A 415 4.21 -6.44 1.48
CA PHE A 415 5.19 -5.34 1.43
C PHE A 415 6.26 -5.60 0.39
N GLY A 416 6.04 -6.56 -0.50
CA GLY A 416 7.01 -6.89 -1.50
C GLY A 416 8.21 -7.54 -0.87
N SER A 417 9.32 -7.59 -1.62
CA SER A 417 10.50 -8.25 -1.13
C SER A 417 11.72 -7.78 -1.88
N GLY A 418 12.89 -8.04 -1.28
CA GLY A 418 14.16 -7.74 -1.91
C GLY A 418 14.54 -6.29 -1.70
N PRO A 419 15.54 -5.80 -2.43
CA PRO A 419 16.06 -4.44 -2.12
C PRO A 419 15.08 -3.31 -2.42
N ARG A 420 13.98 -3.56 -3.12
CA ARG A 420 13.05 -2.51 -3.50
C ARG A 420 11.70 -2.72 -2.84
N ASN A 421 11.70 -3.27 -1.62
CA ASN A 421 10.45 -3.52 -0.91
C ASN A 421 9.94 -2.24 -0.25
N CYS A 422 8.86 -2.37 0.50
CA CYS A 422 8.20 -1.20 1.04
C CYS A 422 9.08 -0.62 2.13
N ILE A 423 9.69 0.53 1.84
CA ILE A 423 10.65 1.05 2.79
C ILE A 423 9.96 1.50 4.07
N GLY A 424 8.66 1.72 4.03
CA GLY A 424 8.01 2.19 5.22
C GLY A 424 7.19 1.13 5.92
N MET A 425 7.58 -0.14 5.77
CA MET A 425 6.74 -1.21 6.28
C MET A 425 6.59 -1.14 7.79
N ARG A 426 7.71 -0.97 8.50
CA ARG A 426 7.65 -0.91 9.96
C ARG A 426 6.84 0.30 10.41
N PHE A 427 7.05 1.45 9.77
CA PHE A 427 6.25 2.62 10.11
C PHE A 427 4.77 2.37 9.86
N ALA A 428 4.42 1.82 8.69
CA ALA A 428 3.02 1.55 8.40
C ALA A 428 2.39 0.68 9.48
N LEU A 429 3.04 -0.43 9.84
CA LEU A 429 2.48 -1.35 10.83
C LEU A 429 2.35 -0.69 12.20
N MET A 430 3.36 0.09 12.61
CA MET A 430 3.27 0.79 13.89
C MET A 430 2.10 1.78 13.88
N ASN A 431 2.05 2.60 12.83
CA ASN A 431 0.99 3.60 12.72
C ASN A 431 -0.39 2.96 12.74
N MET A 432 -0.60 1.89 11.99
CA MET A 432 -1.91 1.22 12.02
C MET A 432 -2.19 0.64 13.40
N LYS A 433 -1.21 -0.06 13.96
CA LYS A 433 -1.40 -0.74 15.23
C LYS A 433 -1.67 0.26 16.34
N LEU A 434 -0.99 1.41 16.31
CA LEU A 434 -1.21 2.36 17.39
C LEU A 434 -2.62 2.92 17.32
N ALA A 435 -3.10 3.15 16.09
CA ALA A 435 -4.49 3.53 15.89
C ALA A 435 -5.43 2.42 16.36
N LEU A 436 -5.22 1.19 15.89
CA LEU A 436 -6.10 0.09 16.28
C LEU A 436 -6.19 -0.04 17.79
N ILE A 437 -5.05 -0.02 18.47
CA ILE A 437 -5.01 -0.19 19.93
C ILE A 437 -5.92 0.84 20.60
N ARG A 438 -5.62 2.13 20.42
CA ARG A 438 -6.37 3.19 21.07
C ARG A 438 -7.86 3.16 20.69
N VAL A 439 -8.18 2.78 19.45
CA VAL A 439 -9.58 2.75 19.02
C VAL A 439 -10.34 1.63 19.72
N LEU A 440 -9.71 0.44 19.83
CA LEU A 440 -10.37 -0.70 20.45
C LEU A 440 -10.37 -0.64 21.98
N GLN A 441 -9.45 0.12 22.59
CA GLN A 441 -9.48 0.32 24.04
C GLN A 441 -10.73 1.04 24.47
N ASN A 442 -11.32 1.85 23.59
CA ASN A 442 -12.44 2.71 23.94
C ASN A 442 -13.75 2.29 23.34
N PHE A 443 -13.74 1.58 22.22
CA PHE A 443 -14.95 1.33 21.46
C PHE A 443 -14.98 -0.11 20.99
N SER A 444 -16.18 -0.55 20.63
CA SER A 444 -16.41 -1.79 19.90
C SER A 444 -17.18 -1.47 18.63
N PHE A 445 -17.09 -2.39 17.66
CA PHE A 445 -17.52 -2.15 16.30
C PHE A 445 -18.44 -3.26 15.84
N LYS A 446 -19.69 -2.90 15.57
CA LYS A 446 -20.70 -3.85 15.13
C LYS A 446 -21.16 -3.44 13.74
N PRO A 447 -21.66 -4.38 12.95
CA PRO A 447 -22.24 -4.01 11.67
C PRO A 447 -23.58 -3.31 11.84
N CYS A 448 -23.85 -2.40 10.91
CA CYS A 448 -25.10 -1.68 10.77
C CYS A 448 -25.94 -2.27 9.66
N LYS A 449 -27.24 -1.94 9.69
CA LYS A 449 -28.08 -2.14 8.52
C LYS A 449 -27.44 -1.56 7.27
N GLU A 450 -26.71 -0.45 7.41
CA GLU A 450 -25.99 0.08 6.25
C GLU A 450 -24.95 -0.93 5.77
N THR A 451 -24.11 -1.43 6.67
CA THR A 451 -22.80 -1.96 6.31
C THR A 451 -22.93 -2.95 5.16
N GLN A 452 -21.99 -2.89 4.22
CA GLN A 452 -22.00 -3.81 3.08
C GLN A 452 -21.37 -5.13 3.51
N ILE A 453 -22.20 -6.17 3.73
CA ILE A 453 -21.73 -7.52 3.96
C ILE A 453 -22.31 -8.42 2.86
N PRO A 454 -21.49 -9.13 2.10
CA PRO A 454 -20.02 -9.19 2.22
C PRO A 454 -19.42 -7.92 1.66
N LEU A 455 -18.26 -7.49 2.15
CA LEU A 455 -17.63 -6.32 1.55
C LEU A 455 -17.28 -6.65 0.10
N LYS A 456 -17.53 -5.69 -0.80
CA LYS A 456 -17.12 -5.79 -2.19
C LYS A 456 -15.96 -4.83 -2.42
N LEU A 457 -15.13 -5.14 -3.41
CA LEU A 457 -13.95 -4.33 -3.71
C LEU A 457 -14.24 -3.41 -4.88
N SER A 458 -13.72 -2.19 -4.83
CA SER A 458 -13.88 -1.27 -5.98
C SER A 458 -13.17 -1.88 -7.20
N LEU A 459 -13.66 -1.57 -8.41
CA LEU A 459 -13.08 -2.21 -9.63
C LEU A 459 -12.06 -1.26 -10.25
N GLY A 460 -11.73 -0.18 -9.55
CA GLY A 460 -10.75 0.79 -10.08
C GLY A 460 -9.34 0.23 -10.05
N GLY A 461 -8.35 1.11 -9.95
CA GLY A 461 -6.94 0.67 -9.95
C GLY A 461 -6.37 0.71 -8.56
N LEU A 462 -7.23 0.90 -7.56
CA LEU A 462 -6.77 0.96 -6.16
C LEU A 462 -7.57 -0.03 -5.32
N LEU A 463 -6.91 -0.70 -4.38
CA LEU A 463 -7.56 -1.65 -3.49
C LEU A 463 -8.31 -0.87 -2.43
N GLN A 464 -9.62 -0.78 -2.59
CA GLN A 464 -10.48 -0.05 -1.67
C GLN A 464 -11.88 -0.63 -1.74
N PRO A 465 -12.67 -0.47 -0.68
CA PRO A 465 -14.05 -0.93 -0.71
C PRO A 465 -14.83 -0.25 -1.81
N GLU A 466 -15.72 -1.02 -2.44
CA GLU A 466 -16.74 -0.48 -3.32
C GLU A 466 -17.57 0.55 -2.58
N LYS A 467 -18.32 0.11 -1.59
CA LYS A 467 -19.03 1.04 -0.77
C LYS A 467 -18.18 1.32 0.49
N PRO A 468 -18.14 2.56 1.00
CA PRO A 468 -17.36 2.86 2.22
C PRO A 468 -17.86 2.05 3.41
N VAL A 469 -16.91 1.65 4.24
CA VAL A 469 -17.23 0.86 5.42
C VAL A 469 -17.86 1.78 6.47
N VAL A 470 -18.97 1.35 7.05
CA VAL A 470 -19.62 2.09 8.13
C VAL A 470 -20.14 1.09 9.15
N LEU A 471 -19.89 1.38 10.42
CA LEU A 471 -20.20 0.45 11.50
C LEU A 471 -20.87 1.23 12.63
N LYS A 472 -21.61 0.50 13.46
CA LYS A 472 -21.99 1.05 14.74
C LYS A 472 -20.78 1.03 15.66
N VAL A 473 -20.52 2.14 16.33
CA VAL A 473 -19.41 2.27 17.26
C VAL A 473 -19.98 2.57 18.63
N GLU A 474 -19.79 1.65 19.57
CA GLU A 474 -20.26 1.77 20.94
C GLU A 474 -19.07 2.01 21.86
N SER A 475 -19.30 2.77 22.92
CA SER A 475 -18.27 3.04 23.91
C SER A 475 -18.16 1.89 24.88
N ARG A 476 -16.94 1.57 25.29
CA ARG A 476 -16.73 0.54 26.29
C ARG A 476 -16.83 1.07 27.71
CHA HEM B . 6.77 0.16 -1.98
CHB HEM B . 3.21 -2.02 0.52
CHC HEM B . 2.81 1.81 3.44
CHD HEM B . 6.82 3.66 1.42
C1A HEM B . 5.81 -0.75 -1.57
C2A HEM B . 5.53 -2.00 -2.20
C3A HEM B . 4.54 -2.61 -1.51
C4A HEM B . 4.18 -1.74 -0.42
CMA HEM B . 3.86 -3.96 -1.73
CAA HEM B . 6.29 -2.49 -3.45
CBA HEM B . 7.36 -3.44 -2.96
CGA HEM B . 7.95 -4.22 -4.09
O1A HEM B . 8.60 -5.26 -3.76
O2A HEM B . 7.80 -3.81 -5.26
C1B HEM B . 2.80 -1.18 1.52
C2B HEM B . 1.73 -1.44 2.47
C3B HEM B . 1.61 -0.37 3.27
C4B HEM B . 2.60 0.59 2.85
CMB HEM B . 0.92 -2.74 2.49
CAB HEM B . 0.64 -0.13 4.45
CBB HEM B . -0.14 -1.07 5.03
C1C HEM B . 3.91 2.64 3.19
C2C HEM B . 4.21 3.86 3.91
C3C HEM B . 5.33 4.37 3.36
C4C HEM B . 5.73 3.49 2.27
CMC HEM B . 3.35 4.36 5.11
CAC HEM B . 6.12 5.65 3.71
CBC HEM B . 5.64 6.63 4.47
C1D HEM B . 7.09 2.91 0.28
C2D HEM B . 8.04 3.27 -0.75
C3D HEM B . 8.04 2.31 -1.68
C4D HEM B . 7.08 1.31 -1.26
CMD HEM B . 8.88 4.54 -0.68
CAD HEM B . 8.89 2.21 -2.95
CBD HEM B . 10.24 1.66 -2.51
CGD HEM B . 11.31 1.65 -3.57
O1D HEM B . 12.52 1.65 -3.18
O2D HEM B . 10.99 1.59 -4.79
NA HEM B . 4.96 -0.63 -0.49
NB HEM B . 3.30 0.07 1.79
NC HEM B . 4.86 2.45 2.21
ND HEM B . 6.53 1.71 -0.07
FE HEM B . 4.95 0.86 0.90
C01 X1O C . 0.27 2.77 -10.31
C02 X1O C . -0.49 3.53 -12.89
C03 X1O C . -0.46 3.96 -10.48
C04 X1O C . 0.65 2.00 -11.41
C05 X1O C . 0.28 2.36 -12.70
C06 X1O C . -0.87 4.34 -11.80
C09 X1O C . -1.65 5.54 -11.89
C11 X1O C . -3.14 7.89 -11.79
C13 X1O C . -2.16 6.12 -13.08
C14 X1O C . -2.91 7.31 -13.05
C15 X1O C . -2.62 7.29 -10.65
C17 X1O C . 0.46 5.93 -10.04
C18 X1O C . 3.06 6.84 -10.80
C19 X1O C . 0.65 6.93 -11.01
C20 X1O C . 1.61 5.45 -9.34
C21 X1O C . 2.88 5.89 -9.77
C22 X1O C . 1.91 7.33 -11.42
C23 X1O C . 1.32 4.52 -8.29
C26 X1O C . 0.53 2.68 -6.34
C28 X1O C . 2.29 3.84 -7.53
C29 X1O C . 1.90 2.92 -6.53
C30 X1O C . -0.39 3.36 -7.15
C31 X1O C . -5.81 3.87 -9.55
C32 X1O C . -3.55 4.00 -10.38
C33 X1O C . -4.00 4.90 -8.40
C34 X1O C . -5.36 4.55 -8.42
C35 X1O C . -4.88 3.61 -10.54
C36 X1O C . -3.45 5.53 -7.38
C37 X1O C . -2.15 6.85 -5.43
C39 X1O C . -4.17 5.92 -6.25
C40 X1O C . -3.50 6.59 -5.24
C41 X1O C . -1.51 6.41 -6.61
C42 X1O C . -1.41 7.55 -4.30
C44 X1O C . -0.17 5.67 -3.19
C45 X1O C . 0.21 4.63 -2.15
C46 X1O C . 1.07 3.53 -2.77
C47 X1O C . 2.00 2.83 -1.81
C49 X1O C . 2.44 1.00 -0.38
C50 X1O C . 1.58 1.62 -1.27
C51 X1O C . 3.23 3.38 -1.45
C52 X1O C . 4.02 2.69 -0.55
F08 X1O C . 1.39 0.87 -11.20
F10 X1O C . -0.84 3.86 -14.14
F24 X1O C . 4.02 5.44 -9.20
F25 X1O C . 2.02 8.24 -12.42
N12 X1O C . -1.91 6.15 -10.71
N16 X1O C . -3.05 4.69 -9.33
N27 X1O C . 0.01 4.24 -8.07
N38 X1O C . -2.16 5.71 -7.59
N43 X1O C . -1.24 6.68 -3.12
N53 X1O C . 3.61 1.53 -0.03
O48 X1O C . 0.39 5.79 -4.24
IR07 X1O C . -1.14 5.23 -9.22
#